data_1MCD
#
_entry.id   1MCD
#
_cell.length_a   72.300
_cell.length_b   72.300
_cell.length_c   185.900
_cell.angle_alpha   90.00
_cell.angle_beta   90.00
_cell.angle_gamma   120.00
#
_symmetry.space_group_name_H-M   'P 31 2 1'
#
loop_
_entity.id
_entity.type
_entity.pdbx_description
1 polymer 'Immunoglobulin lambda-1 light chain'
2 polymer 'PEPTIDE N-ACETYL-D-PHE-B-ALA-L-HIS-D-PRO-NH2'
#
loop_
_entity_poly.entity_id
_entity_poly.type
_entity_poly.pdbx_seq_one_letter_code
_entity_poly.pdbx_strand_id
1 'polypeptide(L)'
;PSALTQPPSASGSLGQSVTISCTGTSSDVGGYNYVSWYQQHAGKAPKVIIYEVNKRPSGVPDRFSGSKSGNTASLTVSGL
QAEDEADYYCSSYEGSDNFVFGTGTKVTVLGQPKANPTVTLFPPSSEELQANKATLVCLISDFYPGAVTVAWKADGSPVK
AGVETTKPSKQSNNKYAASSYLSLTPEQWKSHRSYSCQVTHEGSTVEKTVAPTECS
;
A,B
2 'polypeptide(L)' (ACE)(DPN)(BAL)H(DPR)(NH2) P
#
loop_
_chem_comp.id
_chem_comp.type
_chem_comp.name
_chem_comp.formula
ACE non-polymer 'ACETYL GROUP' 'C2 H4 O'
BAL peptide-like BETA-ALANINE 'C3 H7 N O2'
NH2 non-polymer 'AMINO GROUP' 'H2 N'
#
# COMPACT_ATOMS: atom_id res chain seq x y z
N PRO A 1 -32.93 -2.45 0.40
CA PRO A 1 -31.84 -2.46 -0.58
C PRO A 1 -30.50 -2.20 0.10
N SER A 2 -30.29 -2.71 1.31
CA SER A 2 -29.44 -1.94 2.23
C SER A 2 -28.17 -2.46 2.85
N ALA A 3 -27.39 -1.43 3.22
CA ALA A 3 -26.14 -1.44 3.97
C ALA A 3 -26.21 -0.23 4.92
N LEU A 4 -25.35 -0.20 5.91
CA LEU A 4 -25.27 0.93 6.86
C LEU A 4 -24.93 2.21 6.07
N THR A 5 -25.59 3.28 6.52
CA THR A 5 -25.33 4.58 5.86
C THR A 5 -24.31 5.40 6.62
N GLN A 6 -23.39 5.95 5.83
CA GLN A 6 -22.34 6.84 6.34
C GLN A 6 -22.23 8.10 5.48
N PRO A 7 -21.81 9.17 6.13
CA PRO A 7 -21.53 10.45 5.45
C PRO A 7 -20.12 10.40 4.87
N PRO A 8 -20.02 10.74 3.59
CA PRO A 8 -18.91 10.33 2.73
C PRO A 8 -17.57 10.92 3.15
N SER A 9 -17.64 12.00 3.91
CA SER A 9 -16.46 12.72 4.36
C SER A 9 -16.74 13.54 5.61
N ALA A 10 -15.75 13.55 6.47
CA ALA A 10 -15.63 14.39 7.65
C ALA A 10 -14.33 15.20 7.51
N SER A 11 -14.37 16.37 8.10
CA SER A 11 -13.25 17.33 8.09
C SER A 11 -13.01 17.69 9.57
N GLY A 12 -11.76 17.60 9.95
CA GLY A 12 -11.40 17.98 11.36
C GLY A 12 -10.10 18.80 11.29
N SER A 13 -9.62 19.19 12.46
CA SER A 13 -8.40 20.02 12.52
C SER A 13 -7.56 19.63 13.72
N LEU A 14 -6.27 19.49 13.50
CA LEU A 14 -5.27 18.99 14.41
C LEU A 14 -5.54 19.14 15.90
N GLY A 15 -5.94 18.06 16.54
CA GLY A 15 -6.25 18.10 17.98
C GLY A 15 -7.70 18.22 18.33
N GLN A 16 -8.51 18.92 17.56
CA GLN A 16 -9.98 18.96 17.82
C GLN A 16 -10.52 17.54 17.65
N SER A 17 -11.83 17.38 17.73
CA SER A 17 -12.52 16.14 17.48
C SER A 17 -13.25 16.16 16.12
N VAL A 18 -13.88 15.03 15.93
CA VAL A 18 -14.66 14.66 14.72
C VAL A 18 -15.49 13.44 15.18
N THR A 19 -16.75 13.41 14.79
CA THR A 19 -17.55 12.21 15.08
C THR A 19 -18.25 11.69 13.84
N ILE A 20 -17.83 10.49 13.43
CA ILE A 20 -18.42 9.83 12.27
C ILE A 20 -19.58 8.92 12.67
N SER A 21 -20.75 9.30 12.19
CA SER A 21 -22.02 8.62 12.41
C SER A 21 -22.40 7.63 11.32
N CYS A 22 -22.61 6.41 11.77
CA CYS A 22 -23.03 5.24 10.93
C CYS A 22 -24.48 5.01 11.35
N THR A 23 -25.38 4.88 10.39
CA THR A 23 -26.80 4.76 10.74
C THR A 23 -27.49 3.58 10.06
N GLY A 24 -28.13 2.81 10.96
CA GLY A 24 -28.80 1.56 10.48
C GLY A 24 -30.29 1.58 10.70
N THR A 25 -30.85 0.37 10.77
CA THR A 25 -32.27 0.09 11.01
C THR A 25 -32.45 -0.91 12.14
N SER A 26 -33.65 -0.97 12.65
CA SER A 26 -34.05 -1.81 13.79
C SER A 26 -33.57 -3.25 13.68
N SER A 27 -33.36 -3.66 12.44
CA SER A 27 -32.90 -5.00 12.09
C SER A 27 -31.46 -5.26 12.49
N ASP A 28 -30.63 -4.23 12.43
CA ASP A 28 -29.18 -4.32 12.56
C ASP A 28 -28.58 -3.39 13.58
N VAL A 29 -28.17 -2.20 13.16
CA VAL A 29 -27.63 -1.20 14.13
C VAL A 29 -28.79 -0.88 15.08
N GLY A 30 -28.58 -1.22 16.34
CA GLY A 30 -29.68 -1.04 17.32
C GLY A 30 -30.74 -2.12 17.03
N GLY A 31 -30.55 -3.18 17.76
CA GLY A 31 -31.24 -4.48 17.56
C GLY A 31 -30.28 -5.50 18.27
N TYR A 32 -29.03 -5.42 17.82
CA TYR A 32 -27.91 -6.07 18.48
C TYR A 32 -26.86 -4.98 18.79
N ASN A 33 -25.97 -5.38 19.66
CA ASN A 33 -24.87 -4.56 20.17
C ASN A 33 -23.55 -4.82 19.46
N TYR A 34 -23.59 -5.33 18.24
CA TYR A 34 -22.41 -5.61 17.42
C TYR A 34 -22.24 -4.70 16.20
N VAL A 35 -21.76 -3.52 16.52
CA VAL A 35 -21.37 -2.44 15.66
C VAL A 35 -19.87 -2.21 15.88
N SER A 36 -19.16 -2.22 14.76
CA SER A 36 -17.68 -2.10 14.82
C SER A 36 -17.22 -1.03 13.83
N TRP A 37 -15.95 -0.64 14.00
CA TRP A 37 -15.31 0.33 13.12
C TRP A 37 -13.88 -0.07 12.72
N TYR A 38 -13.61 0.35 11.49
CA TYR A 38 -12.39 0.12 10.73
C TYR A 38 -11.76 1.45 10.28
N GLN A 39 -10.47 1.52 10.44
CA GLN A 39 -9.60 2.59 9.91
C GLN A 39 -8.91 1.99 8.67
N GLN A 40 -9.13 2.56 7.52
CA GLN A 40 -8.55 2.00 6.27
C GLN A 40 -7.93 3.14 5.47
N HIS A 41 -6.60 3.05 5.44
CA HIS A 41 -5.72 3.99 4.78
C HIS A 41 -5.62 3.70 3.29
N ALA A 42 -5.42 4.77 2.54
CA ALA A 42 -5.44 4.74 1.09
C ALA A 42 -4.91 3.43 0.51
N GLY A 43 -5.87 2.64 0.05
CA GLY A 43 -5.61 1.35 -0.60
C GLY A 43 -4.62 0.49 0.18
N LYS A 44 -4.98 0.24 1.42
CA LYS A 44 -4.18 -0.60 2.33
C LYS A 44 -5.14 -1.61 2.95
N ALA A 45 -4.69 -2.28 3.99
CA ALA A 45 -5.56 -3.16 4.79
C ALA A 45 -6.25 -2.38 5.90
N PRO A 46 -7.52 -2.73 6.14
CA PRO A 46 -8.33 -2.18 7.23
C PRO A 46 -7.94 -2.69 8.61
N LYS A 47 -7.96 -1.79 9.56
CA LYS A 47 -7.68 -2.08 10.99
C LYS A 47 -8.99 -2.01 11.76
N VAL A 48 -9.26 -2.98 12.63
CA VAL A 48 -10.47 -2.90 13.47
C VAL A 48 -10.12 -2.09 14.72
N ILE A 49 -10.51 -0.83 14.69
CA ILE A 49 -10.36 0.08 15.81
C ILE A 49 -11.41 -0.04 16.89
N ILE A 50 -12.65 -0.44 16.61
CA ILE A 50 -13.68 -0.67 17.66
C ILE A 50 -14.52 -1.88 17.31
N TYR A 51 -14.93 -2.68 18.32
CA TYR A 51 -15.62 -3.93 17.98
C TYR A 51 -17.09 -4.06 18.37
N GLU A 52 -17.47 -3.52 19.48
CA GLU A 52 -18.77 -3.82 20.12
C GLU A 52 -19.28 -2.52 20.74
N VAL A 53 -19.91 -1.76 19.85
CA VAL A 53 -20.34 -0.38 20.29
C VAL A 53 -19.07 0.36 20.65
N ASN A 54 -18.61 0.34 21.90
CA ASN A 54 -17.33 0.89 22.24
C ASN A 54 -16.50 0.04 23.21
N LYS A 55 -15.47 -0.46 22.57
CA LYS A 55 -14.43 -1.32 23.09
C LYS A 55 -13.35 -1.24 21.96
N ARG A 56 -12.21 -0.76 22.39
CA ARG A 56 -11.04 -0.65 21.52
C ARG A 56 -10.22 -1.95 21.64
N PRO A 57 -9.49 -2.16 20.55
CA PRO A 57 -8.31 -3.03 20.59
C PRO A 57 -7.18 -2.43 21.43
N SER A 58 -6.64 -3.34 22.23
CA SER A 58 -5.41 -3.10 23.03
C SER A 58 -4.33 -2.93 21.94
N GLY A 59 -3.88 -1.68 21.85
CA GLY A 59 -3.25 -1.20 20.60
C GLY A 59 -4.43 -0.65 19.75
N VAL A 60 -4.84 0.53 20.10
CA VAL A 60 -5.58 1.47 19.27
C VAL A 60 -5.51 2.80 20.09
N PRO A 61 -5.17 3.88 19.38
CA PRO A 61 -4.73 5.10 20.06
C PRO A 61 -5.78 5.96 20.72
N ASP A 62 -5.38 7.21 20.92
CA ASP A 62 -6.01 8.34 21.53
C ASP A 62 -7.53 8.33 21.70
N ARG A 63 -8.23 9.24 21.03
CA ARG A 63 -9.69 9.20 21.11
C ARG A 63 -10.31 8.48 19.90
N PHE A 64 -10.31 7.18 20.07
CA PHE A 64 -11.08 6.24 19.24
C PHE A 64 -12.13 5.72 20.25
N SER A 65 -13.31 6.28 20.10
CA SER A 65 -14.44 5.83 20.96
C SER A 65 -15.72 5.75 20.13
N GLY A 66 -16.68 5.02 20.69
CA GLY A 66 -17.98 4.81 20.04
C GLY A 66 -19.13 5.04 20.99
N SER A 67 -20.23 5.49 20.39
CA SER A 67 -21.47 5.81 21.08
C SER A 67 -22.65 5.42 20.16
N LYS A 68 -23.16 4.25 20.52
CA LYS A 68 -24.44 3.77 19.93
C LYS A 68 -25.51 4.59 20.65
N SER A 69 -26.08 5.47 19.87
CA SER A 69 -27.12 6.42 20.22
C SER A 69 -28.35 6.11 19.36
N GLY A 70 -28.95 4.97 19.74
CA GLY A 70 -30.21 4.48 19.18
C GLY A 70 -30.00 3.59 17.98
N ASN A 71 -30.32 4.14 16.82
CA ASN A 71 -29.95 3.53 15.53
C ASN A 71 -28.72 4.23 14.94
N THR A 72 -28.21 5.19 15.73
CA THR A 72 -27.03 5.93 15.26
C THR A 72 -25.82 5.44 16.06
N ALA A 73 -24.83 5.00 15.31
CA ALA A 73 -23.52 4.65 15.87
C ALA A 73 -22.64 5.88 15.57
N SER A 74 -21.85 6.25 16.56
CA SER A 74 -20.91 7.37 16.33
C SER A 74 -19.53 7.03 16.81
N LEU A 75 -18.57 7.27 15.91
CA LEU A 75 -17.16 7.07 16.19
C LEU A 75 -16.55 8.47 16.41
N THR A 76 -16.33 8.70 17.70
CA THR A 76 -15.68 9.90 18.16
C THR A 76 -14.16 9.69 18.11
N VAL A 77 -13.61 10.66 17.39
CA VAL A 77 -12.18 10.72 17.11
C VAL A 77 -11.69 12.14 17.43
N SER A 78 -10.97 12.18 18.54
CA SER A 78 -10.46 13.37 19.18
C SER A 78 -8.97 13.19 19.47
N GLY A 79 -8.27 14.29 19.29
CA GLY A 79 -6.80 14.33 19.54
C GLY A 79 -6.12 14.26 18.17
N LEU A 80 -6.81 14.87 17.23
CA LEU A 80 -6.56 14.76 15.82
C LEU A 80 -5.08 14.87 15.42
N GLN A 81 -4.67 13.76 14.86
CA GLN A 81 -3.31 13.54 14.35
C GLN A 81 -3.40 13.20 12.86
N ALA A 82 -2.64 13.89 12.05
CA ALA A 82 -2.51 13.66 10.61
C ALA A 82 -2.76 12.21 10.23
N GLU A 83 -2.04 11.34 10.90
CA GLU A 83 -2.00 9.90 10.69
C GLU A 83 -3.38 9.26 10.64
N ASP A 84 -4.42 10.01 10.97
CA ASP A 84 -5.80 9.53 11.00
C ASP A 84 -6.42 9.46 9.61
N GLU A 85 -5.94 10.34 8.74
CA GLU A 85 -6.65 10.48 7.43
C GLU A 85 -6.74 9.07 6.84
N ALA A 86 -7.98 8.67 6.64
CA ALA A 86 -8.31 7.37 6.06
C ALA A 86 -9.73 7.41 5.50
N ASP A 87 -10.23 6.20 5.42
CA ASP A 87 -11.60 5.85 5.05
C ASP A 87 -12.08 4.97 6.20
N TYR A 88 -13.18 5.35 6.79
CA TYR A 88 -13.71 4.70 7.98
C TYR A 88 -15.01 3.94 7.67
N TYR A 89 -14.89 2.66 8.03
CA TYR A 89 -16.03 1.74 7.88
C TYR A 89 -16.58 1.30 9.24
N CYS A 90 -17.86 1.00 9.22
CA CYS A 90 -18.66 0.58 10.36
C CYS A 90 -19.42 -0.68 9.87
N SER A 91 -19.86 -1.41 10.88
CA SER A 91 -20.52 -2.70 10.57
C SER A 91 -21.52 -3.04 11.66
N SER A 92 -22.48 -3.86 11.23
CA SER A 92 -23.49 -4.39 12.13
C SER A 92 -23.85 -5.83 11.77
N TYR A 93 -23.94 -6.58 12.88
CA TYR A 93 -24.59 -7.93 12.76
C TYR A 93 -25.98 -7.68 12.16
N GLU A 94 -26.54 -8.67 11.50
CA GLU A 94 -27.96 -8.59 11.09
C GLU A 94 -28.55 -9.96 10.86
N GLY A 95 -28.40 -10.82 11.86
CA GLY A 95 -28.92 -12.16 11.90
C GLY A 95 -28.33 -13.15 10.90
N SER A 96 -28.71 -14.38 11.13
CA SER A 96 -28.39 -15.57 10.36
C SER A 96 -26.95 -15.65 9.92
N ASP A 97 -26.08 -15.15 10.79
CA ASP A 97 -24.64 -15.02 10.58
C ASP A 97 -24.28 -14.10 9.42
N ASN A 98 -24.88 -12.93 9.33
CA ASN A 98 -24.52 -11.94 8.27
C ASN A 98 -24.18 -10.58 8.90
N PHE A 99 -23.28 -9.85 8.21
CA PHE A 99 -22.77 -8.56 8.67
C PHE A 99 -22.75 -7.48 7.57
N VAL A 100 -23.40 -6.35 7.84
CA VAL A 100 -23.48 -5.25 6.92
C VAL A 100 -22.44 -4.15 7.23
N PHE A 101 -21.95 -3.59 6.12
CA PHE A 101 -20.96 -2.51 6.18
C PHE A 101 -21.59 -1.15 5.89
N GLY A 102 -20.79 -0.13 6.17
CA GLY A 102 -21.22 1.27 5.99
C GLY A 102 -20.74 1.74 4.61
N THR A 103 -21.24 2.90 4.19
CA THR A 103 -20.78 3.47 2.91
C THR A 103 -19.43 4.16 3.01
N GLY A 104 -18.90 4.29 4.20
CA GLY A 104 -17.55 4.82 4.41
C GLY A 104 -17.53 6.32 4.56
N THR A 105 -16.40 6.76 5.11
CA THR A 105 -16.17 8.24 5.30
C THR A 105 -14.70 8.50 5.06
N LYS A 106 -14.39 9.57 4.34
CA LYS A 106 -12.97 9.99 4.17
C LYS A 106 -12.74 11.15 5.14
N VAL A 107 -12.02 10.79 6.21
CA VAL A 107 -11.79 11.81 7.27
C VAL A 107 -10.49 12.53 6.94
N THR A 108 -10.67 13.77 6.49
CA THR A 108 -9.52 14.66 6.20
C THR A 108 -9.23 15.58 7.38
N VAL A 109 -7.96 15.63 7.78
CA VAL A 109 -7.53 16.56 8.82
C VAL A 109 -6.80 17.77 8.26
N LEU A 110 -7.31 18.92 8.66
CA LEU A 110 -6.94 20.25 8.23
C LEU A 110 -5.97 20.92 9.19
N GLY A 111 -5.19 21.84 8.64
CA GLY A 111 -4.11 22.51 9.31
C GLY A 111 -2.77 21.82 9.28
N GLN A 112 -2.58 20.83 8.43
CA GLN A 112 -1.28 20.11 8.35
C GLN A 112 -0.35 20.85 7.38
N PRO A 113 0.85 21.08 7.88
CA PRO A 113 1.81 21.98 7.23
C PRO A 113 2.30 21.46 5.90
N LYS A 114 2.71 22.42 5.07
CA LYS A 114 3.20 22.15 3.72
C LYS A 114 4.72 21.96 3.69
N ALA A 115 5.07 20.78 3.21
CA ALA A 115 6.47 20.36 3.06
C ALA A 115 6.86 20.47 1.59
N ASN A 116 8.01 21.07 1.37
CA ASN A 116 8.68 21.09 0.06
C ASN A 116 9.61 19.86 -0.01
N PRO A 117 9.48 19.17 -1.14
CA PRO A 117 9.96 17.79 -1.26
C PRO A 117 11.45 17.66 -1.46
N THR A 118 12.04 16.71 -0.73
CA THR A 118 13.45 16.33 -0.90
C THR A 118 13.58 15.62 -2.25
N VAL A 119 14.49 16.12 -3.08
CA VAL A 119 14.77 15.50 -4.37
C VAL A 119 16.13 14.79 -4.32
N THR A 120 16.08 13.53 -4.70
CA THR A 120 17.28 12.68 -4.74
C THR A 120 17.42 12.01 -6.09
N LEU A 121 18.28 12.60 -6.94
CA LEU A 121 18.57 12.12 -8.28
C LEU A 121 19.67 11.04 -8.27
N PHE A 122 19.34 9.93 -8.93
CA PHE A 122 20.20 8.75 -8.92
C PHE A 122 20.62 8.36 -10.36
N PRO A 123 21.91 8.54 -10.61
CA PRO A 123 22.63 7.95 -11.74
C PRO A 123 22.56 6.44 -11.84
N PRO A 124 22.71 5.95 -13.07
CA PRO A 124 22.72 4.50 -13.36
C PRO A 124 23.83 3.81 -12.59
N SER A 125 23.41 2.74 -11.93
CA SER A 125 24.32 1.82 -11.23
C SER A 125 25.25 1.14 -12.22
N SER A 126 26.47 1.04 -11.77
CA SER A 126 27.58 0.34 -12.44
C SER A 126 27.10 -0.88 -13.21
N GLU A 127 26.32 -1.72 -12.57
CA GLU A 127 25.89 -3.00 -13.13
C GLU A 127 24.81 -2.87 -14.18
N GLU A 128 23.88 -1.96 -13.95
CA GLU A 128 22.81 -1.68 -14.94
C GLU A 128 23.55 -1.38 -16.26
N LEU A 129 24.58 -0.55 -15.98
CA LEU A 129 25.56 -0.25 -17.03
C LEU A 129 26.11 -1.55 -17.58
N GLN A 130 26.63 -2.43 -16.73
CA GLN A 130 27.40 -3.59 -17.23
C GLN A 130 26.55 -4.50 -18.09
N ALA A 131 25.26 -4.20 -18.06
CA ALA A 131 24.26 -4.95 -18.81
C ALA A 131 23.98 -4.29 -20.15
N ASN A 132 24.12 -2.96 -20.14
CA ASN A 132 23.87 -2.14 -21.32
C ASN A 132 22.72 -1.17 -21.17
N LYS A 133 21.91 -1.30 -20.16
CA LYS A 133 20.80 -0.34 -19.93
C LYS A 133 21.27 0.75 -18.99
N ALA A 134 20.54 1.87 -18.96
CA ALA A 134 20.87 2.90 -17.92
C ALA A 134 19.70 3.82 -17.68
N THR A 135 18.97 3.52 -16.62
CA THR A 135 17.88 4.39 -16.16
C THR A 135 18.45 5.32 -15.09
N LEU A 136 17.75 6.42 -14.89
CA LEU A 136 18.03 7.36 -13.79
C LEU A 136 16.70 7.64 -13.05
N VAL A 137 16.69 7.36 -11.77
CA VAL A 137 15.54 7.61 -10.90
C VAL A 137 15.67 8.96 -10.19
N CYS A 138 14.65 9.79 -10.34
CA CYS A 138 14.48 11.00 -9.53
C CYS A 138 13.43 10.71 -8.45
N LEU A 139 13.92 10.68 -7.21
CA LEU A 139 13.02 10.41 -6.07
C LEU A 139 12.64 11.72 -5.41
N ILE A 140 11.36 12.03 -5.46
CA ILE A 140 10.74 13.19 -4.81
C ILE A 140 10.07 12.61 -3.54
N SER A 141 10.37 13.19 -2.40
CA SER A 141 9.83 12.59 -1.16
C SER A 141 9.57 13.60 -0.06
N ASP A 142 8.72 13.14 0.87
CA ASP A 142 8.40 13.84 2.10
C ASP A 142 7.73 15.18 1.87
N PHE A 143 6.76 15.19 0.96
CA PHE A 143 6.10 16.45 0.57
C PHE A 143 4.62 16.49 0.96
N TYR A 144 4.18 17.73 1.17
CA TYR A 144 2.76 17.94 1.54
C TYR A 144 2.30 19.32 1.12
N PRO A 145 1.16 19.43 0.44
CA PRO A 145 0.32 18.38 -0.10
C PRO A 145 0.91 17.54 -1.22
N GLY A 146 0.23 16.47 -1.56
CA GLY A 146 0.59 15.50 -2.54
C GLY A 146 0.51 15.88 -3.99
N ALA A 147 0.82 17.10 -4.36
CA ALA A 147 0.85 17.49 -5.79
C ALA A 147 2.21 18.09 -6.14
N VAL A 148 2.76 17.60 -7.24
CA VAL A 148 4.11 17.98 -7.69
C VAL A 148 4.17 17.83 -9.22
N THR A 149 5.07 18.58 -9.82
CA THR A 149 5.41 18.35 -11.25
C THR A 149 6.87 17.89 -11.31
N VAL A 150 7.19 17.04 -12.26
CA VAL A 150 8.57 16.58 -12.51
C VAL A 150 8.95 16.74 -13.98
N ALA A 151 10.05 17.43 -14.20
CA ALA A 151 10.67 17.71 -15.49
C ALA A 151 12.07 17.06 -15.56
N TRP A 152 12.55 16.85 -16.77
CA TRP A 152 13.93 16.37 -16.99
C TRP A 152 14.66 17.18 -18.06
N LYS A 153 15.90 17.56 -17.75
CA LYS A 153 16.74 18.26 -18.75
C LYS A 153 17.92 17.37 -19.14
N ALA A 154 18.10 17.29 -20.44
CA ALA A 154 19.29 16.62 -21.04
C ALA A 154 20.27 17.80 -21.29
N ASP A 155 20.79 18.26 -20.17
CA ASP A 155 21.51 19.49 -19.99
C ASP A 155 20.99 20.64 -20.86
N GLY A 156 20.53 21.66 -20.12
CA GLY A 156 19.97 22.86 -20.79
C GLY A 156 18.60 22.40 -21.32
N SER A 157 18.57 22.01 -22.57
CA SER A 157 17.29 21.66 -23.23
C SER A 157 16.61 20.51 -22.49
N PRO A 158 15.28 20.53 -22.56
CA PRO A 158 14.43 19.58 -21.84
C PRO A 158 14.43 18.20 -22.49
N VAL A 159 14.08 17.23 -21.65
CA VAL A 159 13.72 15.88 -22.11
C VAL A 159 12.22 15.75 -21.82
N LYS A 160 11.43 15.67 -22.88
CA LYS A 160 10.00 15.37 -22.70
C LYS A 160 9.67 13.98 -23.20
N ALA A 161 10.66 13.09 -23.31
CA ALA A 161 10.43 11.73 -23.81
C ALA A 161 11.30 10.65 -23.21
N GLY A 162 10.66 9.57 -22.76
CA GLY A 162 11.35 8.43 -22.12
C GLY A 162 11.04 8.39 -20.63
N VAL A 163 10.39 9.46 -20.21
CA VAL A 163 10.08 9.74 -18.81
C VAL A 163 8.84 9.02 -18.32
N GLU A 164 8.94 8.52 -17.07
CA GLU A 164 7.83 7.73 -16.49
C GLU A 164 7.67 7.90 -15.00
N THR A 165 6.72 8.78 -14.65
CA THR A 165 6.51 9.32 -13.33
C THR A 165 5.37 8.74 -12.51
N THR A 166 5.74 8.09 -11.41
CA THR A 166 4.77 7.55 -10.45
C THR A 166 4.29 8.71 -9.60
N LYS A 167 3.04 9.09 -9.75
CA LYS A 167 2.50 10.22 -8.96
C LYS A 167 1.93 9.87 -7.60
N PRO A 168 1.93 10.87 -6.70
CA PRO A 168 2.07 10.71 -5.25
C PRO A 168 1.41 9.65 -4.44
N SER A 169 2.15 9.03 -3.51
CA SER A 169 1.64 8.10 -2.51
C SER A 169 1.91 8.55 -1.07
N LYS A 170 0.98 8.14 -0.20
CA LYS A 170 0.96 8.49 1.21
C LYS A 170 1.97 7.67 2.03
N GLN A 171 3.08 8.32 2.36
CA GLN A 171 4.07 7.86 3.33
C GLN A 171 3.41 7.79 4.73
N SER A 172 4.09 7.01 5.54
CA SER A 172 3.78 6.80 6.95
C SER A 172 3.93 8.04 7.79
N ASN A 173 3.93 9.20 7.17
CA ASN A 173 3.99 10.48 7.91
C ASN A 173 3.09 11.49 7.19
N ASN A 174 1.96 10.97 6.69
CA ASN A 174 0.95 11.89 6.09
C ASN A 174 1.64 12.81 5.09
N LYS A 175 2.69 12.29 4.49
CA LYS A 175 3.49 13.01 3.49
C LYS A 175 3.69 12.08 2.30
N TYR A 176 3.75 12.69 1.15
CA TYR A 176 3.81 11.98 -0.12
C TYR A 176 5.22 11.65 -0.59
N ALA A 177 5.19 10.71 -1.52
CA ALA A 177 6.38 10.15 -2.16
C ALA A 177 6.00 9.88 -3.63
N ALA A 178 6.85 10.37 -4.51
CA ALA A 178 6.67 10.16 -5.96
C ALA A 178 8.06 10.10 -6.59
N SER A 179 8.14 9.36 -7.67
CA SER A 179 9.40 9.27 -8.44
C SER A 179 9.11 9.46 -9.92
N SER A 180 10.23 9.55 -10.64
CA SER A 180 10.19 9.67 -12.13
C SER A 180 11.48 9.06 -12.67
N TYR A 181 11.34 8.18 -13.68
CA TYR A 181 12.61 7.68 -14.27
C TYR A 181 12.77 8.12 -15.71
N LEU A 182 14.03 8.03 -16.13
CA LEU A 182 14.43 8.25 -17.55
C LEU A 182 15.35 7.07 -17.91
N SER A 183 14.96 6.36 -18.95
CA SER A 183 15.69 5.19 -19.46
C SER A 183 16.62 5.65 -20.60
N LEU A 184 17.86 5.90 -20.25
CA LEU A 184 18.94 6.14 -21.19
C LEU A 184 19.56 4.81 -21.67
N THR A 185 20.36 4.96 -22.71
CA THR A 185 21.45 3.99 -23.00
C THR A 185 22.71 4.64 -22.41
N PRO A 186 23.68 3.81 -22.11
CA PRO A 186 24.97 4.32 -21.56
C PRO A 186 25.52 5.30 -22.61
N GLU A 187 25.20 4.97 -23.86
CA GLU A 187 25.46 5.86 -25.00
C GLU A 187 25.02 7.26 -24.59
N GLN A 188 23.71 7.43 -24.61
CA GLN A 188 23.03 8.70 -24.35
C GLN A 188 23.65 9.34 -23.10
N TRP A 189 23.75 8.49 -22.10
CA TRP A 189 24.23 8.82 -20.76
C TRP A 189 25.49 9.67 -20.83
N LYS A 190 26.47 9.07 -21.53
CA LYS A 190 27.79 9.68 -21.64
C LYS A 190 27.85 10.75 -22.69
N SER A 191 26.92 10.75 -23.63
CA SER A 191 26.82 11.84 -24.61
C SER A 191 26.21 13.11 -24.04
N HIS A 192 26.21 13.34 -22.73
CA HIS A 192 25.74 14.63 -22.18
C HIS A 192 26.53 15.08 -20.97
N ARG A 193 26.36 16.37 -20.66
CA ARG A 193 27.11 17.03 -19.59
C ARG A 193 26.49 16.73 -18.22
N SER A 194 25.17 16.78 -18.24
CA SER A 194 24.34 16.52 -17.05
C SER A 194 22.90 16.22 -17.46
N TYR A 195 22.27 15.55 -16.53
CA TYR A 195 20.83 15.21 -16.62
C TYR A 195 20.28 15.81 -15.32
N SER A 196 19.33 16.70 -15.50
CA SER A 196 18.65 17.27 -14.31
C SER A 196 17.22 16.75 -14.24
N CYS A 197 16.71 16.74 -13.04
CA CYS A 197 15.33 16.45 -12.69
C CYS A 197 14.83 17.72 -11.99
N GLN A 198 13.59 18.04 -12.26
CA GLN A 198 13.01 19.33 -11.82
C GLN A 198 11.63 19.10 -11.24
N VAL A 199 11.48 19.49 -9.98
CA VAL A 199 10.31 19.18 -9.15
C VAL A 199 9.70 20.50 -8.69
N THR A 200 8.52 20.79 -9.21
CA THR A 200 7.76 21.94 -8.72
C THR A 200 6.74 21.50 -7.66
N HIS A 201 6.83 22.15 -6.51
CA HIS A 201 5.86 22.05 -5.44
C HIS A 201 5.37 23.41 -4.97
N GLU A 202 4.08 23.67 -5.15
CA GLU A 202 3.41 24.85 -4.57
C GLU A 202 4.17 26.11 -4.97
N GLY A 203 4.69 26.11 -6.18
CA GLY A 203 5.37 27.29 -6.74
C GLY A 203 6.84 27.37 -6.34
N SER A 204 7.32 26.33 -5.71
CA SER A 204 8.76 26.18 -5.44
C SER A 204 9.28 25.19 -6.49
N THR A 205 10.44 25.54 -7.02
CA THR A 205 11.16 24.64 -7.91
C THR A 205 12.41 24.17 -7.18
N VAL A 206 12.71 22.92 -7.44
CA VAL A 206 13.93 22.27 -6.96
C VAL A 206 14.42 21.55 -8.23
N GLU A 207 15.66 21.76 -8.51
CA GLU A 207 16.29 21.11 -9.66
C GLU A 207 17.55 20.45 -9.13
N LYS A 208 17.57 19.15 -9.29
CA LYS A 208 18.77 18.33 -8.96
C LYS A 208 19.36 17.94 -10.32
N THR A 209 20.65 17.99 -10.39
CA THR A 209 21.35 17.74 -11.68
C THR A 209 22.54 16.84 -11.43
N VAL A 210 22.59 15.73 -12.16
CA VAL A 210 23.71 14.81 -12.03
C VAL A 210 24.54 14.73 -13.33
N ALA A 211 25.84 14.64 -13.06
CA ALA A 211 26.89 14.45 -14.05
C ALA A 211 27.59 13.12 -13.72
N PRO A 212 28.02 12.45 -14.77
CA PRO A 212 28.88 11.27 -14.65
C PRO A 212 30.09 11.53 -13.78
N THR A 213 30.04 11.07 -12.53
CA THR A 213 31.08 11.37 -11.53
C THR A 213 31.18 10.21 -10.54
N GLU A 214 30.63 10.46 -9.35
CA GLU A 214 30.25 9.38 -8.42
C GLU A 214 31.44 8.59 -7.90
N CYS A 215 31.15 7.63 -7.02
CA CYS A 215 32.03 6.50 -6.73
C CYS A 215 31.05 5.29 -7.03
N SER A 216 30.20 5.08 -6.05
CA SER A 216 29.21 4.00 -6.06
C SER A 216 28.33 4.10 -4.80
N PRO B 1 -1.62 -8.07 13.96
CA PRO B 1 -0.56 -7.29 13.31
C PRO B 1 -0.43 -7.72 11.86
N SER B 2 0.52 -7.14 11.15
CA SER B 2 0.74 -7.49 9.72
C SER B 2 1.09 -8.98 9.68
N ALA B 3 0.06 -9.83 9.77
CA ALA B 3 0.30 -11.22 10.14
C ALA B 3 -0.34 -12.30 9.32
N LEU B 4 -1.20 -12.00 8.38
CA LEU B 4 -1.69 -13.03 7.43
C LEU B 4 -1.22 -12.60 6.05
N THR B 5 -0.52 -13.50 5.39
CA THR B 5 0.10 -13.11 4.11
C THR B 5 -0.78 -13.61 2.99
N GLN B 6 -0.92 -12.76 1.99
CA GLN B 6 -1.58 -13.11 0.72
C GLN B 6 -0.71 -12.65 -0.46
N PRO B 7 -0.85 -13.36 -1.57
CA PRO B 7 -0.30 -12.96 -2.86
C PRO B 7 -0.71 -11.54 -3.22
N PRO B 8 0.28 -10.76 -3.62
CA PRO B 8 0.07 -9.37 -4.06
C PRO B 8 -0.97 -9.27 -5.16
N SER B 9 -0.93 -10.19 -6.09
CA SER B 9 -1.70 -10.08 -7.35
C SER B 9 -2.13 -11.47 -7.75
N ALA B 10 -3.41 -11.67 -7.92
CA ALA B 10 -3.95 -12.92 -8.48
C ALA B 10 -4.83 -12.51 -9.65
N SER B 11 -4.73 -13.22 -10.74
CA SER B 11 -5.39 -12.82 -11.99
C SER B 11 -5.66 -14.05 -12.85
N GLY B 12 -6.44 -13.76 -13.88
CA GLY B 12 -6.86 -14.80 -14.83
C GLY B 12 -7.71 -14.12 -15.91
N SER B 13 -8.07 -14.94 -16.85
CA SER B 13 -8.96 -14.54 -17.96
C SER B 13 -10.36 -15.04 -17.64
N LEU B 14 -11.35 -14.38 -18.22
CA LEU B 14 -12.76 -14.71 -18.07
C LEU B 14 -13.00 -16.22 -18.23
N GLY B 15 -13.32 -16.86 -17.13
CA GLY B 15 -13.75 -18.28 -17.17
C GLY B 15 -12.76 -19.13 -16.40
N GLN B 16 -11.59 -18.54 -16.21
CA GLN B 16 -10.49 -19.24 -15.50
C GLN B 16 -10.86 -19.08 -14.02
N SER B 17 -10.21 -19.86 -13.21
CA SER B 17 -10.55 -19.89 -11.77
C SER B 17 -9.29 -19.52 -10.98
N VAL B 18 -9.34 -18.38 -10.30
CA VAL B 18 -8.10 -18.07 -9.48
C VAL B 18 -8.27 -18.58 -8.05
N THR B 19 -7.14 -18.90 -7.40
CA THR B 19 -7.08 -19.21 -5.98
C THR B 19 -6.30 -18.09 -5.26
N ILE B 20 -6.69 -17.84 -4.04
CA ILE B 20 -6.05 -16.87 -3.15
C ILE B 20 -5.80 -17.66 -1.86
N SER B 21 -4.63 -17.52 -1.31
CA SER B 21 -4.30 -18.21 -0.06
C SER B 21 -3.98 -17.15 0.98
N CYS B 22 -4.05 -17.60 2.20
CA CYS B 22 -3.96 -16.66 3.38
C CYS B 22 -3.13 -17.52 4.33
N THR B 23 -1.83 -17.36 4.03
CA THR B 23 -0.75 -18.07 4.74
C THR B 23 -0.42 -17.20 5.96
N GLY B 24 -1.20 -17.51 6.99
CA GLY B 24 -1.14 -16.70 8.24
C GLY B 24 0.12 -17.20 8.97
N THR B 25 0.64 -16.30 9.77
CA THR B 25 1.88 -16.57 10.53
C THR B 25 1.68 -17.65 11.57
N SER B 26 2.26 -17.39 12.73
CA SER B 26 2.25 -18.36 13.86
C SER B 26 0.77 -18.61 14.18
N SER B 27 0.01 -17.58 13.83
CA SER B 27 -1.43 -17.56 13.81
C SER B 27 -2.06 -17.99 15.15
N ASP B 28 -3.35 -18.30 15.02
CA ASP B 28 -4.24 -18.33 16.21
C ASP B 28 -4.54 -19.76 16.57
N VAL B 29 -3.49 -20.52 16.85
CA VAL B 29 -3.49 -21.95 16.94
C VAL B 29 -3.72 -22.71 18.24
N GLY B 30 -4.81 -23.45 18.14
CA GLY B 30 -5.04 -24.70 18.92
C GLY B 30 -5.78 -25.56 17.83
N GLY B 31 -6.63 -24.79 17.21
CA GLY B 31 -7.65 -25.16 16.21
C GLY B 31 -8.34 -23.77 16.04
N TYR B 32 -7.91 -23.11 14.99
CA TYR B 32 -8.40 -21.77 14.71
C TYR B 32 -9.27 -21.77 13.48
N ASN B 33 -10.48 -21.20 13.61
CA ASN B 33 -11.48 -21.37 12.57
C ASN B 33 -12.34 -20.17 12.26
N TYR B 34 -12.00 -18.98 12.69
CA TYR B 34 -12.85 -17.83 12.27
C TYR B 34 -12.02 -17.04 11.22
N VAL B 35 -11.85 -17.73 10.12
CA VAL B 35 -11.24 -17.12 8.93
C VAL B 35 -12.43 -16.64 8.08
N SER B 36 -12.25 -15.50 7.49
CA SER B 36 -13.37 -14.81 6.82
C SER B 36 -12.84 -14.07 5.60
N TRP B 37 -13.57 -14.20 4.49
CA TRP B 37 -13.13 -13.55 3.24
C TRP B 37 -13.96 -12.31 2.96
N TYR B 38 -13.27 -11.29 2.48
CA TYR B 38 -13.83 -10.01 2.09
C TYR B 38 -13.43 -9.71 0.63
N GLN B 39 -14.38 -9.07 0.01
CA GLN B 39 -14.19 -8.62 -1.39
C GLN B 39 -14.47 -7.12 -1.32
N GLN B 40 -13.44 -6.38 -1.67
CA GLN B 40 -13.59 -4.90 -1.73
C GLN B 40 -13.40 -4.47 -3.17
N HIS B 41 -14.16 -3.45 -3.56
CA HIS B 41 -14.15 -2.94 -4.93
C HIS B 41 -13.71 -1.47 -4.98
N ALA B 42 -13.52 -1.08 -6.23
CA ALA B 42 -13.23 0.26 -6.69
C ALA B 42 -13.92 1.36 -5.91
N GLY B 43 -13.50 1.60 -4.69
CA GLY B 43 -14.01 2.73 -3.89
C GLY B 43 -15.35 2.43 -3.26
N LYS B 44 -15.91 1.25 -3.57
CA LYS B 44 -17.05 0.79 -2.68
C LYS B 44 -16.39 0.24 -1.43
N ALA B 45 -17.09 -0.47 -0.57
CA ALA B 45 -16.52 -0.96 0.69
C ALA B 45 -16.76 -2.45 0.89
N PRO B 46 -16.02 -3.00 1.87
CA PRO B 46 -15.83 -4.44 2.02
C PRO B 46 -17.14 -5.18 2.16
N LYS B 47 -17.26 -6.26 1.40
CA LYS B 47 -18.43 -7.15 1.48
C LYS B 47 -17.89 -8.54 1.80
N VAL B 48 -18.24 -9.04 2.96
CA VAL B 48 -17.87 -10.42 3.36
C VAL B 48 -18.45 -11.36 2.30
N ILE B 49 -17.72 -12.39 1.93
CA ILE B 49 -18.16 -13.30 0.86
C ILE B 49 -18.03 -14.77 1.27
N ILE B 50 -17.36 -14.98 2.36
CA ILE B 50 -17.06 -16.27 2.97
C ILE B 50 -16.84 -15.94 4.46
N TYR B 51 -17.23 -16.84 5.31
CA TYR B 51 -17.00 -16.72 6.75
C TYR B 51 -16.86 -18.12 7.34
N GLU B 52 -16.48 -18.13 8.61
CA GLU B 52 -16.35 -19.40 9.36
C GLU B 52 -15.70 -20.43 8.46
N VAL B 53 -14.63 -20.00 7.80
CA VAL B 53 -13.78 -20.83 6.96
C VAL B 53 -14.36 -21.23 5.62
N ASN B 54 -15.54 -21.81 5.56
CA ASN B 54 -16.06 -22.30 4.27
C ASN B 54 -17.51 -21.93 4.02
N LYS B 55 -18.12 -21.26 4.96
CA LYS B 55 -19.55 -20.91 4.88
C LYS B 55 -19.74 -19.58 4.18
N ARG B 56 -20.34 -19.62 3.00
CA ARG B 56 -20.66 -18.36 2.27
C ARG B 56 -22.02 -17.87 2.75
N PRO B 57 -22.15 -16.55 2.87
CA PRO B 57 -23.42 -15.92 3.21
C PRO B 57 -24.39 -15.81 2.04
N SER B 58 -25.67 -15.67 2.41
CA SER B 58 -26.77 -15.56 1.45
C SER B 58 -26.59 -14.30 0.60
N GLY B 59 -26.58 -14.52 -0.69
CA GLY B 59 -26.21 -13.51 -1.69
C GLY B 59 -25.01 -13.97 -2.50
N VAL B 60 -24.06 -14.64 -1.82
CA VAL B 60 -22.83 -15.08 -2.52
C VAL B 60 -23.19 -16.26 -3.43
N PRO B 61 -22.64 -16.22 -4.64
CA PRO B 61 -22.71 -17.34 -5.59
C PRO B 61 -21.64 -18.38 -5.33
N ASP B 62 -22.02 -19.66 -5.34
CA ASP B 62 -21.14 -20.78 -5.01
C ASP B 62 -19.96 -20.88 -5.97
N ARG B 63 -19.87 -19.91 -6.85
CA ARG B 63 -18.64 -19.63 -7.61
C ARG B 63 -17.44 -19.49 -6.66
N PHE B 64 -17.73 -18.86 -5.54
CA PHE B 64 -16.73 -18.60 -4.49
C PHE B 64 -16.64 -19.77 -3.53
N SER B 65 -15.46 -19.98 -2.94
CA SER B 65 -15.28 -21.09 -1.97
C SER B 65 -14.21 -20.73 -0.95
N GLY B 66 -14.40 -21.28 0.26
CA GLY B 66 -13.49 -21.04 1.41
C GLY B 66 -12.77 -22.35 1.76
N SER B 67 -11.56 -22.22 2.32
CA SER B 67 -10.85 -23.46 2.77
C SER B 67 -9.76 -23.16 3.77
N LYS B 68 -9.22 -24.20 4.45
CA LYS B 68 -8.02 -24.05 5.27
C LYS B 68 -7.33 -25.34 5.69
N SER B 69 -6.00 -25.25 5.76
CA SER B 69 -5.10 -26.32 6.27
C SER B 69 -4.03 -25.63 7.14
N GLY B 70 -3.74 -26.21 8.28
CA GLY B 70 -2.72 -25.77 9.21
C GLY B 70 -2.54 -24.27 9.29
N ASN B 71 -1.91 -23.71 8.26
CA ASN B 71 -1.52 -22.31 8.20
C ASN B 71 -1.99 -21.52 6.99
N THR B 72 -2.55 -22.16 5.99
CA THR B 72 -3.05 -21.48 4.79
C THR B 72 -4.54 -21.74 4.57
N ALA B 73 -5.26 -20.61 4.53
CA ALA B 73 -6.67 -20.53 4.11
C ALA B 73 -6.72 -20.36 2.59
N SER B 74 -7.89 -20.53 2.00
CA SER B 74 -8.08 -20.49 0.56
C SER B 74 -9.39 -19.78 0.19
N LEU B 75 -9.38 -19.26 -1.02
CA LEU B 75 -10.51 -18.68 -1.71
C LEU B 75 -10.37 -19.04 -3.20
N THR B 76 -11.39 -19.74 -3.67
CA THR B 76 -11.36 -20.11 -5.13
C THR B 76 -12.51 -19.41 -5.82
N VAL B 77 -12.19 -18.68 -6.88
CA VAL B 77 -13.19 -18.00 -7.71
C VAL B 77 -13.28 -18.88 -8.98
N SER B 78 -14.10 -19.88 -8.81
CA SER B 78 -14.25 -21.03 -9.67
C SER B 78 -14.76 -20.85 -11.08
N GLY B 79 -14.98 -19.65 -11.58
CA GLY B 79 -15.35 -19.43 -13.00
C GLY B 79 -15.39 -17.93 -13.31
N LEU B 80 -14.23 -17.31 -13.23
CA LEU B 80 -14.02 -15.88 -13.27
C LEU B 80 -14.92 -15.14 -14.24
N GLN B 81 -15.74 -14.31 -13.61
CA GLN B 81 -16.55 -13.26 -14.23
C GLN B 81 -15.83 -11.94 -14.06
N ALA B 82 -16.00 -11.04 -15.01
CA ALA B 82 -15.41 -9.70 -15.00
C ALA B 82 -15.60 -8.97 -13.68
N GLU B 83 -16.83 -9.02 -13.16
CA GLU B 83 -17.19 -8.26 -11.97
C GLU B 83 -16.40 -8.73 -10.76
N ASP B 84 -15.59 -9.76 -10.98
CA ASP B 84 -14.89 -10.40 -9.84
C ASP B 84 -13.60 -9.65 -9.56
N GLU B 85 -13.28 -8.78 -10.51
CA GLU B 85 -12.07 -7.92 -10.36
C GLU B 85 -12.22 -7.01 -9.15
N ALA B 86 -11.29 -7.10 -8.22
CA ALA B 86 -11.34 -6.37 -6.95
C ALA B 86 -10.25 -6.84 -5.97
N ASP B 87 -10.24 -6.19 -4.82
CA ASP B 87 -9.36 -6.55 -3.70
C ASP B 87 -10.08 -7.68 -2.92
N TYR B 88 -9.31 -8.47 -2.23
CA TYR B 88 -9.81 -9.53 -1.36
C TYR B 88 -8.91 -9.63 -0.14
N TYR B 89 -9.54 -9.64 1.02
CA TYR B 89 -8.82 -9.72 2.31
C TYR B 89 -9.33 -10.93 3.09
N CYS B 90 -8.46 -11.53 3.88
CA CYS B 90 -8.85 -12.54 4.85
C CYS B 90 -8.87 -11.85 6.23
N SER B 91 -9.46 -12.58 7.16
CA SER B 91 -9.48 -12.20 8.58
C SER B 91 -9.46 -13.49 9.39
N SER B 92 -8.78 -13.41 10.51
CA SER B 92 -8.75 -14.45 11.53
C SER B 92 -8.92 -13.71 12.88
N TYR B 93 -9.80 -14.22 13.68
CA TYR B 93 -10.09 -13.66 15.01
C TYR B 93 -9.32 -14.43 16.06
N GLU B 94 -8.10 -13.99 16.36
CA GLU B 94 -7.24 -14.63 17.37
C GLU B 94 -8.04 -14.68 18.69
N GLY B 95 -8.18 -13.49 19.23
CA GLY B 95 -8.89 -13.26 20.50
C GLY B 95 -9.59 -11.90 20.36
N SER B 96 -10.50 -11.61 21.25
CA SER B 96 -11.40 -10.47 21.14
C SER B 96 -10.79 -9.14 20.78
N ASP B 97 -9.63 -8.80 21.30
CA ASP B 97 -8.96 -7.54 20.92
C ASP B 97 -8.57 -7.58 19.44
N ASN B 98 -8.00 -8.70 19.02
CA ASN B 98 -7.22 -8.71 17.78
C ASN B 98 -7.74 -9.58 16.66
N PHE B 99 -8.51 -8.88 15.86
CA PHE B 99 -9.00 -9.33 14.53
C PHE B 99 -7.82 -9.05 13.57
N VAL B 100 -7.25 -10.10 13.01
CA VAL B 100 -6.13 -9.98 12.08
C VAL B 100 -6.57 -10.18 10.62
N PHE B 101 -6.25 -9.18 9.81
CA PHE B 101 -6.55 -9.15 8.38
C PHE B 101 -5.35 -9.64 7.57
N GLY B 102 -5.65 -10.04 6.34
CA GLY B 102 -4.60 -10.34 5.34
C GLY B 102 -4.00 -9.03 4.85
N THR B 103 -3.33 -9.07 3.71
CA THR B 103 -2.66 -7.88 3.18
C THR B 103 -3.36 -7.43 1.90
N GLY B 104 -4.34 -8.21 1.49
CA GLY B 104 -5.10 -7.90 0.26
C GLY B 104 -4.67 -8.86 -0.84
N THR B 105 -5.43 -8.92 -1.90
CA THR B 105 -5.08 -9.62 -3.14
C THR B 105 -5.95 -9.03 -4.25
N LYS B 106 -5.28 -8.43 -5.20
CA LYS B 106 -5.93 -7.83 -6.38
C LYS B 106 -6.21 -8.94 -7.39
N VAL B 107 -7.48 -9.19 -7.64
CA VAL B 107 -7.84 -10.15 -8.72
C VAL B 107 -8.03 -9.33 -10.00
N THR B 108 -7.34 -9.77 -11.04
CA THR B 108 -7.35 -9.06 -12.34
C THR B 108 -7.86 -9.92 -13.45
N VAL B 109 -8.87 -9.45 -14.19
CA VAL B 109 -9.26 -10.19 -15.43
C VAL B 109 -8.38 -9.51 -16.49
N LEU B 110 -7.37 -10.26 -16.89
CA LEU B 110 -6.14 -9.78 -17.47
C LEU B 110 -6.10 -8.63 -18.42
N GLY B 111 -6.75 -8.70 -19.56
CA GLY B 111 -6.70 -7.60 -20.54
C GLY B 111 -5.49 -7.66 -21.45
N GLN B 112 -4.33 -7.31 -20.94
CA GLN B 112 -3.06 -7.35 -21.73
C GLN B 112 -2.27 -8.57 -21.33
N PRO B 113 -1.10 -8.77 -21.95
CA PRO B 113 -0.20 -9.87 -21.58
C PRO B 113 0.46 -9.61 -20.25
N LYS B 114 0.92 -10.68 -19.62
CA LYS B 114 1.47 -10.69 -18.28
C LYS B 114 2.92 -10.23 -18.23
N ALA B 115 3.25 -9.59 -17.10
CA ALA B 115 4.51 -8.86 -16.98
C ALA B 115 5.01 -8.83 -15.54
N ASN B 116 6.17 -9.41 -15.41
CA ASN B 116 6.96 -9.47 -14.18
C ASN B 116 7.89 -8.25 -14.17
N PRO B 117 8.14 -7.75 -12.97
CA PRO B 117 8.77 -6.44 -12.78
C PRO B 117 10.25 -6.43 -13.16
N THR B 118 10.67 -5.29 -13.71
CA THR B 118 12.11 -4.99 -13.78
C THR B 118 12.45 -4.33 -12.43
N VAL B 119 13.27 -5.04 -11.67
CA VAL B 119 13.82 -4.51 -10.41
C VAL B 119 15.13 -3.79 -10.74
N THR B 120 15.31 -2.63 -10.15
CA THR B 120 16.57 -1.87 -10.39
C THR B 120 16.98 -1.19 -9.11
N LEU B 121 18.04 -1.67 -8.49
CA LEU B 121 18.51 -1.19 -7.19
C LEU B 121 19.65 -0.19 -7.29
N PHE B 122 19.46 0.97 -6.67
CA PHE B 122 20.43 2.07 -6.64
C PHE B 122 21.04 2.24 -5.25
N PRO B 123 22.35 2.37 -5.23
CA PRO B 123 23.09 2.72 -4.00
C PRO B 123 23.04 4.22 -3.76
N PRO B 124 23.28 4.61 -2.51
CA PRO B 124 23.43 6.03 -2.16
C PRO B 124 24.47 6.60 -3.14
N SER B 125 24.12 7.67 -3.82
CA SER B 125 25.15 8.41 -4.60
C SER B 125 26.13 9.08 -3.62
N SER B 126 27.34 9.19 -4.12
CA SER B 126 28.45 9.83 -3.44
C SER B 126 28.08 11.23 -2.97
N GLU B 127 27.50 12.04 -3.85
CA GLU B 127 27.29 13.46 -3.49
C GLU B 127 26.31 13.54 -2.34
N GLU B 128 25.46 12.52 -2.31
CA GLU B 128 24.42 12.38 -1.28
C GLU B 128 25.14 12.09 0.05
N LEU B 129 26.09 11.16 -0.05
CA LEU B 129 26.89 10.77 1.13
C LEU B 129 27.78 11.91 1.61
N GLN B 130 28.09 12.82 0.69
CA GLN B 130 28.83 14.05 1.01
C GLN B 130 27.89 15.02 1.74
N ALA B 131 26.61 14.88 1.43
CA ALA B 131 25.59 15.64 2.21
C ALA B 131 25.48 15.12 3.64
N ASN B 132 26.02 13.94 3.87
CA ASN B 132 25.92 13.16 5.10
C ASN B 132 24.55 12.46 5.14
N LYS B 133 24.18 11.95 3.99
CA LYS B 133 22.89 11.27 3.79
C LYS B 133 23.16 9.85 3.30
N ALA B 134 22.17 8.98 3.49
CA ALA B 134 22.14 7.73 2.71
C ALA B 134 20.68 7.35 2.45
N THR B 135 20.34 7.29 1.16
CA THR B 135 19.07 6.73 0.69
C THR B 135 19.37 5.80 -0.48
N LEU B 136 18.77 4.64 -0.44
CA LEU B 136 18.76 3.61 -1.48
C LEU B 136 17.37 3.50 -2.13
N VAL B 137 17.33 3.11 -3.40
CA VAL B 137 16.05 3.01 -4.15
C VAL B 137 15.90 1.75 -4.99
N CYS B 138 14.65 1.25 -4.98
CA CYS B 138 14.24 0.04 -5.74
C CYS B 138 13.24 0.58 -6.77
N LEU B 139 13.64 0.55 -8.03
CA LEU B 139 12.74 0.97 -9.13
C LEU B 139 12.06 -0.31 -9.62
N ILE B 140 10.75 -0.32 -9.52
CA ILE B 140 9.95 -1.45 -10.00
C ILE B 140 9.18 -0.92 -11.23
N SER B 141 9.36 -1.65 -12.32
CA SER B 141 8.75 -1.16 -13.57
C SER B 141 8.25 -2.31 -14.43
N ASP B 142 7.45 -1.87 -15.40
CA ASP B 142 7.01 -2.68 -16.52
C ASP B 142 6.20 -3.89 -16.15
N PHE B 143 5.42 -3.80 -15.08
CA PHE B 143 4.70 -4.97 -14.55
C PHE B 143 3.20 -4.86 -14.84
N TYR B 144 2.66 -6.07 -14.97
CA TYR B 144 1.22 -6.27 -15.10
C TYR B 144 0.83 -7.67 -14.57
N PRO B 145 -0.22 -7.76 -13.77
CA PRO B 145 -1.06 -6.66 -13.28
C PRO B 145 -0.39 -5.85 -12.19
N GLY B 146 -0.95 -4.68 -11.89
CA GLY B 146 -0.50 -3.72 -10.98
C GLY B 146 -0.37 -3.92 -9.50
N ALA B 147 -0.13 -5.11 -9.00
CA ALA B 147 0.06 -5.35 -7.56
C ALA B 147 1.35 -6.02 -7.15
N VAL B 148 2.25 -5.27 -6.56
CA VAL B 148 3.62 -5.75 -6.26
C VAL B 148 3.86 -5.90 -4.76
N THR B 149 4.86 -6.72 -4.42
CA THR B 149 5.27 -6.75 -2.96
C THR B 149 6.76 -6.58 -2.85
N VAL B 150 7.19 -5.58 -2.10
CA VAL B 150 8.57 -5.25 -1.84
C VAL B 150 8.95 -5.52 -0.37
N ALA B 151 10.08 -6.19 -0.23
CA ALA B 151 10.75 -6.42 1.07
C ALA B 151 12.19 -5.95 0.91
N TRP B 152 12.76 -5.48 2.00
CA TRP B 152 14.17 -5.02 2.03
C TRP B 152 14.95 -5.82 3.08
N LYS B 153 16.25 -6.00 2.77
CA LYS B 153 17.08 -6.79 3.69
C LYS B 153 18.46 -6.20 3.95
N ALA B 154 18.78 -6.11 5.24
CA ALA B 154 20.16 -5.79 5.66
C ALA B 154 20.87 -7.13 5.92
N ASP B 155 21.55 -7.57 4.86
CA ASP B 155 22.34 -8.81 4.87
C ASP B 155 21.42 -10.03 4.87
N GLY B 156 20.16 -9.75 4.58
CA GLY B 156 19.14 -10.84 4.47
C GLY B 156 18.63 -11.01 5.92
N SER B 157 18.34 -9.82 6.43
CA SER B 157 17.63 -9.71 7.72
C SER B 157 16.63 -8.58 7.42
N PRO B 158 15.38 -8.95 7.60
CA PRO B 158 14.28 -8.06 7.25
C PRO B 158 14.59 -6.67 7.80
N VAL B 159 14.29 -5.70 6.95
CA VAL B 159 14.47 -4.26 7.34
C VAL B 159 13.11 -3.61 7.08
N LYS B 160 12.46 -3.27 8.18
CA LYS B 160 11.10 -2.71 8.14
C LYS B 160 11.18 -1.19 8.24
N ALA B 161 12.22 -0.77 8.95
CA ALA B 161 12.41 0.64 9.31
C ALA B 161 13.11 1.36 8.17
N GLY B 162 12.59 2.49 7.78
CA GLY B 162 13.24 3.37 6.79
C GLY B 162 12.64 3.14 5.41
N VAL B 163 11.69 2.22 5.38
CA VAL B 163 11.09 1.77 4.14
C VAL B 163 9.80 2.53 3.77
N GLU B 164 9.79 2.96 2.52
CA GLU B 164 8.52 3.47 1.94
C GLU B 164 8.33 2.78 0.60
N THR B 165 7.15 2.28 0.38
CA THR B 165 6.77 1.59 -0.87
C THR B 165 5.61 2.40 -1.45
N THR B 166 5.93 3.05 -2.53
CA THR B 166 4.88 3.76 -3.32
C THR B 166 3.87 2.75 -3.81
N LYS B 167 2.63 3.17 -3.98
CA LYS B 167 1.57 2.32 -4.56
C LYS B 167 1.68 2.48 -6.08
N PRO B 168 1.38 1.42 -6.81
CA PRO B 168 1.81 1.29 -8.21
C PRO B 168 1.11 2.22 -9.15
N SER B 169 1.88 3.08 -9.83
CA SER B 169 1.22 3.98 -10.83
C SER B 169 1.28 3.28 -12.18
N LYS B 170 0.60 3.88 -13.14
CA LYS B 170 0.51 3.42 -14.51
C LYS B 170 1.41 4.30 -15.38
N GLN B 171 2.10 3.63 -16.28
CA GLN B 171 3.06 4.25 -17.21
C GLN B 171 2.32 4.54 -18.52
N SER B 172 3.03 5.16 -19.45
CA SER B 172 2.48 5.52 -20.76
C SER B 172 2.40 4.29 -21.66
N ASN B 173 3.01 3.22 -21.20
CA ASN B 173 3.04 1.95 -21.96
C ASN B 173 1.98 0.99 -21.41
N ASN B 174 1.26 1.46 -20.40
CA ASN B 174 0.12 0.76 -19.81
C ASN B 174 0.54 -0.37 -18.87
N LYS B 175 1.81 -0.39 -18.54
CA LYS B 175 2.31 -1.30 -17.46
C LYS B 175 2.52 -0.42 -16.24
N TYR B 176 2.87 -1.00 -15.12
CA TYR B 176 2.96 -0.24 -13.86
C TYR B 176 4.40 -0.02 -13.43
N ALA B 177 4.46 0.83 -12.40
CA ALA B 177 5.72 1.23 -11.80
C ALA B 177 5.49 1.66 -10.35
N ALA B 178 6.11 0.88 -9.49
CA ALA B 178 6.17 1.21 -8.05
C ALA B 178 7.65 1.46 -7.71
N SER B 179 7.88 2.04 -6.55
CA SER B 179 9.24 2.34 -6.08
C SER B 179 9.27 2.33 -4.56
N SER B 180 10.23 1.57 -4.05
CA SER B 180 10.44 1.39 -2.60
C SER B 180 11.77 2.08 -2.27
N TYR B 181 11.90 2.52 -1.04
CA TYR B 181 13.10 3.27 -0.64
C TYR B 181 13.47 3.14 0.82
N LEU B 182 14.79 3.14 0.99
CA LEU B 182 15.45 3.04 2.29
C LEU B 182 16.16 4.39 2.54
N SER B 183 15.93 4.93 3.70
CA SER B 183 16.64 6.15 4.14
C SER B 183 17.40 5.82 5.42
N LEU B 184 18.71 5.90 5.34
CA LEU B 184 19.59 5.56 6.44
C LEU B 184 20.84 6.45 6.52
N THR B 185 21.48 6.31 7.69
CA THR B 185 22.76 6.96 7.98
C THR B 185 23.82 6.26 7.12
N PRO B 186 24.82 7.05 6.75
CA PRO B 186 26.04 6.53 6.13
C PRO B 186 26.77 5.55 7.03
N GLU B 187 26.51 5.59 8.33
CA GLU B 187 27.07 4.59 9.25
C GLU B 187 26.35 3.26 8.98
N GLN B 188 25.04 3.43 8.96
CA GLN B 188 24.06 2.37 8.72
C GLN B 188 24.46 1.57 7.48
N TRP B 189 24.50 2.28 6.38
CA TRP B 189 24.90 1.72 5.08
C TRP B 189 26.27 1.04 5.15
N LYS B 190 27.27 1.77 5.65
CA LYS B 190 28.63 1.21 5.54
C LYS B 190 28.83 -0.04 6.39
N SER B 191 28.02 -0.21 7.43
CA SER B 191 28.27 -1.31 8.40
C SER B 191 27.34 -2.48 8.21
N HIS B 192 27.30 -2.95 6.97
CA HIS B 192 26.51 -4.08 6.48
C HIS B 192 27.14 -4.47 5.13
N ARG B 193 27.31 -5.75 4.95
CA ARG B 193 28.02 -6.26 3.75
C ARG B 193 27.20 -6.04 2.51
N SER B 194 25.89 -6.14 2.62
CA SER B 194 24.96 -6.02 1.49
C SER B 194 23.55 -5.67 1.94
N TYR B 195 22.86 -4.89 1.13
CA TYR B 195 21.42 -4.63 1.24
C TYR B 195 20.73 -5.27 0.04
N SER B 196 19.61 -5.93 0.25
CA SER B 196 18.77 -6.40 -0.85
C SER B 196 17.41 -5.68 -0.90
N CYS B 197 16.74 -5.88 -2.03
CA CYS B 197 15.40 -5.45 -2.37
C CYS B 197 14.74 -6.63 -3.14
N GLN B 198 13.72 -7.18 -2.54
CA GLN B 198 13.04 -8.39 -3.08
C GLN B 198 11.60 -8.04 -3.41
N VAL B 199 11.13 -8.38 -4.61
CA VAL B 199 9.76 -8.11 -5.02
C VAL B 199 9.10 -9.36 -5.61
N THR B 200 8.02 -9.75 -4.96
CA THR B 200 7.12 -10.81 -5.43
C THR B 200 6.10 -10.22 -6.40
N HIS B 201 5.81 -11.02 -7.42
CA HIS B 201 4.85 -10.71 -8.43
C HIS B 201 4.31 -11.94 -9.17
N GLU B 202 3.25 -12.48 -8.58
CA GLU B 202 2.55 -13.65 -9.08
C GLU B 202 3.54 -14.77 -9.36
N GLY B 203 4.10 -15.29 -8.29
CA GLY B 203 4.97 -16.46 -8.34
C GLY B 203 6.28 -16.20 -9.08
N SER B 204 6.58 -14.89 -9.28
CA SER B 204 8.02 -14.58 -9.57
C SER B 204 8.48 -13.82 -8.33
N THR B 205 9.67 -14.08 -7.87
CA THR B 205 10.30 -13.17 -6.87
C THR B 205 11.69 -12.80 -7.38
N VAL B 206 11.95 -11.50 -7.51
CA VAL B 206 13.27 -11.02 -7.92
C VAL B 206 13.89 -10.26 -6.74
N GLU B 207 15.14 -10.60 -6.48
CA GLU B 207 15.91 -10.03 -5.38
C GLU B 207 17.21 -9.46 -5.97
N LYS B 208 17.31 -8.14 -5.83
CA LYS B 208 18.56 -7.46 -6.19
C LYS B 208 19.30 -7.18 -4.89
N THR B 209 20.59 -7.43 -4.91
CA THR B 209 21.46 -7.11 -3.74
C THR B 209 22.40 -6.00 -4.18
N VAL B 210 22.97 -5.34 -3.20
CA VAL B 210 23.91 -4.22 -3.43
C VAL B 210 24.83 -4.08 -2.21
N ALA B 211 26.10 -3.78 -2.45
CA ALA B 211 27.07 -3.53 -1.37
C ALA B 211 27.59 -2.11 -1.31
N PRO B 212 27.95 -1.70 -0.09
CA PRO B 212 28.69 -0.46 0.19
C PRO B 212 30.12 -0.45 -0.35
N THR B 213 30.51 0.70 -0.90
CA THR B 213 31.85 0.91 -1.46
C THR B 213 32.59 2.02 -0.70
N GLU B 214 33.15 2.96 -1.43
CA GLU B 214 33.62 4.25 -0.90
C GLU B 214 34.47 4.98 -1.93
N CYS B 215 35.28 5.92 -1.49
CA CYS B 215 36.10 6.79 -2.39
C CYS B 215 35.54 8.22 -2.29
N SER B 216 34.30 8.25 -1.82
CA SER B 216 33.73 9.42 -1.12
C SER B 216 33.59 8.82 0.32
C ACE C 1 -17.14 -8.63 11.57
O ACE C 1 -17.81 -8.13 10.59
CH3 ACE C 1 -16.78 -7.88 12.76
N DPN C 2 -16.90 -9.79 11.10
CA DPN C 2 -16.83 -11.09 11.19
C DPN C 2 -17.03 -11.47 12.70
O DPN C 2 -18.08 -11.15 13.24
CB DPN C 2 -17.67 -12.15 10.46
CG DPN C 2 -17.28 -13.55 10.88
CD1 DPN C 2 -17.88 -14.15 11.98
CD2 DPN C 2 -16.28 -14.26 10.22
CE1 DPN C 2 -17.49 -15.40 12.43
CE2 DPN C 2 -15.88 -15.51 10.62
CZ DPN C 2 -16.49 -16.09 11.74
N BAL C 3 -15.97 -12.02 13.29
CB BAL C 3 -16.17 -12.90 14.45
CA BAL C 3 -15.85 -12.68 15.88
C BAL C 3 -16.80 -13.76 16.59
O BAL C 3 -16.37 -14.57 17.36
N HIS C 4 -17.98 -13.24 16.27
CA HIS C 4 -19.16 -13.96 16.86
C HIS C 4 -20.53 -13.54 16.32
N DPR C 5 -21.55 -14.41 16.69
CA DPR C 5 -22.94 -14.15 16.21
CB DPR C 5 -23.58 -13.66 17.45
CG DPR C 5 -22.79 -14.25 18.56
CD DPR C 5 -21.85 -15.18 17.91
C DPR C 5 -23.64 -15.37 15.63
O DPR C 5 -23.92 -15.47 14.43
N NH2 C 6 -24.06 -16.36 16.40
#